data_6T3W
#
_entry.id   6T3W
#
_cell.length_a   47.992
_cell.length_b   53.008
_cell.length_c   79.369
_cell.angle_alpha   90.000
_cell.angle_beta   90.000
_cell.angle_gamma   90.000
#
_symmetry.space_group_name_H-M   'P 21 21 21'
#
loop_
_entity.id
_entity.type
_entity.pdbx_description
1 polymer '2C protein'
2 non-polymer 'ZINC ION'
3 non-polymer 'SULFATE ION'
4 non-polymer (3S)-N-methyl-3-phenyl-3-[4-(trifluoromethyl)phenoxy]propan-1-amine
5 non-polymer 'SODIUM ION'
6 water water
#
_entity_poly.entity_id   1
_entity_poly.type   'polypeptide(L)'
_entity_poly.pdbx_seq_one_letter_code
;GSKCRIEPVCLLLHGSPGAGKSVATNLIGRSLAEKLNSSVYSLPPDPDHFDGYKQQAVVIMDDLCQNPDGKDVSLFCQMV
SSVDFVPPMAALEEKGILFTSPFVLASTNAGSINAPTVSDSRALARRFHFDMNIEVISMYSQNGKINMPMSVKTCDDECC
PVNFKKCCPLVCGKAIQFIDRRTQVRYSLDMLVTEMFREYNHRHSVGTTLEALFQ
;
_entity_poly.pdbx_strand_id   A
#
loop_
_chem_comp.id
_chem_comp.type
_chem_comp.name
_chem_comp.formula
NA non-polymer 'SODIUM ION' 'Na 1'
SFX non-polymer (3S)-N-methyl-3-phenyl-3-[4-(trifluoromethyl)phenoxy]propan-1-amine 'C17 H18 F3 N O'
SO4 non-polymer 'SULFATE ION' 'O4 S -2'
ZN non-polymer 'ZINC ION' 'Zn 2'
#
# COMPACT_ATOMS: atom_id res chain seq x y z
N LYS A 3 11.59 -19.39 1.47
CA LYS A 3 11.92 -17.97 1.27
C LYS A 3 12.59 -17.75 -0.09
N CYS A 4 11.84 -17.97 -1.18
CA CYS A 4 12.36 -17.77 -2.53
C CYS A 4 11.99 -16.41 -3.09
N ARG A 5 11.10 -15.68 -2.44
CA ARG A 5 10.52 -14.46 -2.97
C ARG A 5 11.05 -13.25 -2.20
N ILE A 6 11.30 -12.14 -2.90
CA ILE A 6 11.64 -10.89 -2.22
C ILE A 6 10.36 -10.35 -1.59
N GLU A 7 10.45 -9.93 -0.33
CA GLU A 7 9.26 -9.51 0.40
C GLU A 7 8.66 -8.26 -0.26
N PRO A 8 7.35 -8.20 -0.46
CA PRO A 8 6.75 -6.97 -0.99
C PRO A 8 6.97 -5.81 -0.02
N VAL A 9 7.15 -4.63 -0.60
CA VAL A 9 7.16 -3.40 0.17
C VAL A 9 5.72 -3.00 0.45
N CYS A 10 5.38 -2.80 1.73
CA CYS A 10 4.01 -2.58 2.15
C CYS A 10 3.81 -1.25 2.86
N LEU A 11 2.70 -0.60 2.52
CA LEU A 11 2.26 0.67 3.05
C LEU A 11 0.89 0.47 3.69
N LEU A 12 0.71 0.98 4.91
CA LEU A 12 -0.62 1.12 5.52
C LEU A 12 -0.90 2.59 5.81
N LEU A 13 -2.02 3.08 5.30
CA LEU A 13 -2.45 4.46 5.49
C LEU A 13 -3.66 4.45 6.44
N HIS A 14 -3.59 5.21 7.52
CA HIS A 14 -4.70 5.37 8.45
C HIS A 14 -5.33 6.74 8.26
N GLY A 15 -6.64 6.79 8.06
CA GLY A 15 -7.30 8.06 7.85
C GLY A 15 -8.77 7.97 8.16
N SER A 16 -9.37 9.10 8.53
CA SER A 16 -10.81 9.15 8.71
C SER A 16 -11.52 8.98 7.37
N PRO A 17 -12.81 8.65 7.39
CA PRO A 17 -13.58 8.65 6.14
C PRO A 17 -13.55 10.02 5.49
N GLY A 18 -13.41 10.03 4.16
CA GLY A 18 -13.28 11.27 3.42
C GLY A 18 -11.90 11.92 3.43
N ALA A 19 -10.89 11.27 3.98
CA ALA A 19 -9.56 11.85 4.05
C ALA A 19 -8.74 11.57 2.79
N GLY A 20 -9.35 11.04 1.74
CA GLY A 20 -8.61 10.80 0.50
C GLY A 20 -7.78 9.54 0.45
N LYS A 21 -8.05 8.55 1.32
CA LYS A 21 -7.24 7.35 1.38
C LYS A 21 -7.20 6.61 0.05
N SER A 22 -8.37 6.41 -0.56
CA SER A 22 -8.45 5.64 -1.79
C SER A 22 -7.76 6.34 -2.93
N VAL A 23 -7.93 7.67 -3.04
CA VAL A 23 -7.21 8.35 -4.11
C VAL A 23 -5.71 8.32 -3.85
N ALA A 24 -5.30 8.44 -2.58
CA ALA A 24 -3.87 8.42 -2.27
C ALA A 24 -3.26 7.07 -2.65
N THR A 25 -3.89 5.97 -2.25
CA THR A 25 -3.31 4.67 -2.59
C THR A 25 -3.33 4.44 -4.09
N ASN A 26 -4.38 4.91 -4.76
N ASN A 26 -4.34 4.93 -4.79
CA ASN A 26 -4.44 4.79 -6.22
CA ASN A 26 -4.35 4.68 -6.23
C ASN A 26 -3.28 5.49 -6.89
C ASN A 26 -3.36 5.55 -6.98
N LEU A 27 -2.96 6.70 -6.43
CA LEU A 27 -1.94 7.50 -7.09
C LEU A 27 -0.55 6.96 -6.78
N ILE A 28 -0.31 6.59 -5.51
CA ILE A 28 0.95 5.97 -5.12
C ILE A 28 1.16 4.70 -5.92
N GLY A 29 0.10 3.88 -6.00
CA GLY A 29 0.21 2.62 -6.70
C GLY A 29 0.44 2.80 -8.19
N ARG A 30 -0.27 3.74 -8.81
CA ARG A 30 -0.04 3.95 -10.24
C ARG A 30 1.36 4.51 -10.49
N SER A 31 1.88 5.37 -9.61
CA SER A 31 3.23 5.87 -9.82
C SER A 31 4.26 4.72 -9.74
N LEU A 32 4.15 3.90 -8.69
CA LEU A 32 5.03 2.76 -8.53
C LEU A 32 4.88 1.77 -9.69
N ALA A 33 3.63 1.47 -10.06
CA ALA A 33 3.38 0.48 -11.09
C ALA A 33 3.96 0.91 -12.44
N GLU A 34 3.91 2.20 -12.76
CA GLU A 34 4.44 2.66 -14.04
C GLU A 34 5.96 2.58 -14.08
N LYS A 35 6.62 2.76 -12.94
CA LYS A 35 8.06 2.55 -12.85
C LYS A 35 8.44 1.12 -13.23
N LEU A 36 7.54 0.19 -12.99
CA LEU A 36 7.74 -1.21 -13.29
C LEU A 36 7.01 -1.65 -14.54
N ASN A 37 6.48 -0.70 -15.31
N ASN A 37 6.50 -0.70 -15.32
CA ASN A 37 5.79 -0.99 -16.57
CA ASN A 37 5.78 -1.00 -16.56
C ASN A 37 4.61 -1.94 -16.34
C ASN A 37 4.64 -1.98 -16.32
N SER A 38 3.88 -1.73 -15.26
CA SER A 38 2.77 -2.61 -14.91
C SER A 38 1.58 -1.75 -14.51
N SER A 39 0.68 -2.34 -13.73
CA SER A 39 -0.57 -1.69 -13.36
C SER A 39 -0.91 -2.04 -11.91
N VAL A 40 -2.01 -1.47 -11.44
CA VAL A 40 -2.51 -1.64 -10.08
C VAL A 40 -3.68 -2.63 -10.09
N TYR A 41 -3.77 -3.43 -9.04
CA TYR A 41 -4.88 -4.35 -8.83
C TYR A 41 -5.43 -4.15 -7.42
N SER A 42 -6.71 -3.79 -7.33
CA SER A 42 -7.41 -3.71 -6.04
C SER A 42 -7.96 -5.07 -5.70
N LEU A 43 -7.63 -5.55 -4.53
CA LEU A 43 -8.03 -6.87 -4.08
C LEU A 43 -9.49 -6.82 -3.63
N PRO A 44 -10.38 -7.62 -4.23
CA PRO A 44 -11.77 -7.72 -3.72
C PRO A 44 -11.80 -8.12 -2.26
N PRO A 45 -12.64 -7.48 -1.44
CA PRO A 45 -12.71 -7.83 -0.01
C PRO A 45 -13.30 -9.20 0.31
N ASP A 46 -14.04 -9.81 -0.62
CA ASP A 46 -14.78 -11.04 -0.33
C ASP A 46 -13.84 -12.25 -0.31
N PRO A 47 -14.34 -13.42 0.12
CA PRO A 47 -13.42 -14.53 0.48
C PRO A 47 -12.46 -14.97 -0.62
N ASP A 48 -12.93 -15.23 -1.84
CA ASP A 48 -12.02 -15.58 -2.94
C ASP A 48 -11.52 -14.26 -3.54
N HIS A 49 -10.48 -13.73 -2.91
CA HIS A 49 -10.11 -12.34 -3.09
C HIS A 49 -9.46 -12.04 -4.42
N PHE A 50 -9.14 -13.03 -5.25
CA PHE A 50 -8.18 -12.81 -6.32
C PHE A 50 -8.78 -12.95 -7.72
N ASP A 51 -10.08 -12.73 -7.83
CA ASP A 51 -10.71 -12.58 -9.14
C ASP A 51 -10.12 -11.37 -9.86
N GLY A 52 -9.51 -11.60 -11.01
CA GLY A 52 -8.84 -10.56 -11.77
C GLY A 52 -7.35 -10.41 -11.51
N TYR A 53 -6.79 -11.14 -10.56
CA TYR A 53 -5.36 -11.01 -10.28
C TYR A 53 -4.56 -11.60 -11.43
N LYS A 54 -3.63 -10.81 -11.95
CA LYS A 54 -2.73 -11.19 -13.04
C LYS A 54 -1.29 -10.78 -12.72
N GLN A 55 -0.87 -10.96 -11.48
CA GLN A 55 0.48 -10.63 -11.03
C GLN A 55 0.82 -9.17 -11.27
N GLN A 56 -0.17 -8.30 -11.18
CA GLN A 56 0.10 -6.87 -11.27
C GLN A 56 1.14 -6.46 -10.25
N ALA A 57 1.92 -5.41 -10.57
CA ALA A 57 3.03 -5.03 -9.73
C ALA A 57 2.58 -4.43 -8.40
N VAL A 58 1.39 -3.85 -8.34
CA VAL A 58 0.89 -3.21 -7.12
C VAL A 58 -0.49 -3.77 -6.80
N VAL A 59 -0.63 -4.30 -5.60
CA VAL A 59 -1.92 -4.73 -5.06
C VAL A 59 -2.35 -3.70 -4.02
N ILE A 60 -3.62 -3.31 -4.08
CA ILE A 60 -4.19 -2.36 -3.13
C ILE A 60 -5.29 -3.07 -2.36
N MET A 61 -5.34 -2.83 -1.04
CA MET A 61 -6.38 -3.36 -0.16
C MET A 61 -7.06 -2.15 0.50
N ASP A 62 -8.23 -1.76 0.03
CA ASP A 62 -8.86 -0.57 0.60
C ASP A 62 -9.81 -0.93 1.73
N ASP A 63 -9.87 -0.05 2.72
CA ASP A 63 -10.87 -0.13 3.79
C ASP A 63 -10.72 -1.38 4.67
N LEU A 64 -9.49 -1.65 5.09
CA LEU A 64 -9.25 -2.71 6.05
C LEU A 64 -10.05 -2.45 7.32
N CYS A 65 -10.74 -3.47 7.82
CA CYS A 65 -11.49 -3.27 9.05
C CYS A 65 -10.55 -3.38 10.26
N GLN A 66 -11.04 -2.87 11.41
CA GLN A 66 -10.20 -2.76 12.59
C GLN A 66 -9.96 -4.11 13.26
N ASN A 67 -10.88 -5.06 13.08
CA ASN A 67 -10.85 -6.36 13.76
C ASN A 67 -10.90 -7.46 12.71
N PRO A 68 -9.80 -7.74 12.03
CA PRO A 68 -9.86 -8.69 10.91
C PRO A 68 -10.06 -10.14 11.34
N ASP A 69 -10.69 -10.88 10.43
CA ASP A 69 -10.78 -12.34 10.42
C ASP A 69 -9.40 -12.98 10.53
N GLY A 70 -9.33 -14.14 11.19
CA GLY A 70 -8.13 -14.94 11.13
C GLY A 70 -7.72 -15.28 9.70
N LYS A 71 -8.71 -15.47 8.81
CA LYS A 71 -8.41 -15.77 7.42
C LYS A 71 -7.76 -14.58 6.73
N ASP A 72 -8.22 -13.37 7.05
CA ASP A 72 -7.63 -12.18 6.46
C ASP A 72 -6.20 -11.97 6.95
N VAL A 73 -5.97 -12.12 8.26
CA VAL A 73 -4.62 -12.04 8.80
C VAL A 73 -3.72 -13.06 8.12
N SER A 74 -4.21 -14.29 8.00
CA SER A 74 -3.39 -15.36 7.42
C SER A 74 -3.01 -15.03 5.99
N LEU A 75 -3.97 -14.60 5.20
CA LEU A 75 -3.69 -14.27 3.80
C LEU A 75 -2.70 -13.14 3.71
N PHE A 76 -2.92 -12.06 4.48
CA PHE A 76 -2.02 -10.92 4.42
C PHE A 76 -0.61 -11.34 4.79
N CYS A 77 -0.44 -12.16 5.83
CA CYS A 77 0.89 -12.54 6.25
C CYS A 77 1.59 -13.39 5.21
N GLN A 78 0.84 -14.15 4.41
CA GLN A 78 1.44 -14.86 3.27
C GLN A 78 1.86 -13.90 2.16
N MET A 79 0.97 -12.97 1.83
CA MET A 79 1.26 -12.00 0.77
C MET A 79 2.53 -11.22 1.06
N VAL A 80 2.61 -10.63 2.24
CA VAL A 80 3.76 -9.81 2.57
C VAL A 80 4.74 -10.72 3.30
N SER A 81 5.43 -11.57 2.52
CA SER A 81 6.45 -12.46 3.05
C SER A 81 7.31 -12.96 1.90
N SER A 82 8.26 -13.83 2.22
CA SER A 82 9.16 -14.41 1.23
C SER A 82 8.72 -15.80 0.79
N VAL A 83 7.58 -16.27 1.25
CA VAL A 83 7.14 -17.62 0.92
C VAL A 83 6.46 -17.61 -0.43
N ASP A 84 6.75 -18.59 -1.26
CA ASP A 84 5.98 -18.77 -2.47
C ASP A 84 4.61 -19.29 -2.07
N PHE A 85 3.56 -18.66 -2.59
CA PHE A 85 2.24 -19.21 -2.34
C PHE A 85 1.30 -18.84 -3.47
N VAL A 86 0.29 -19.67 -3.65
CA VAL A 86 -0.68 -19.54 -4.72
C VAL A 86 -1.97 -19.03 -4.09
N PRO A 87 -2.48 -17.88 -4.52
CA PRO A 87 -3.75 -17.38 -3.97
C PRO A 87 -4.86 -18.39 -4.21
N PRO A 88 -5.98 -18.27 -3.50
CA PRO A 88 -7.11 -19.18 -3.74
C PRO A 88 -7.80 -18.94 -5.08
N MET A 89 -7.42 -19.68 -6.11
CA MET A 89 -8.01 -19.51 -7.44
C MET A 89 -8.91 -20.68 -7.86
N ALA A 90 -8.87 -21.81 -7.15
CA ALA A 90 -9.69 -22.95 -7.55
C ALA A 90 -11.18 -22.59 -7.53
N ALA A 91 -11.60 -21.75 -6.58
CA ALA A 91 -13.01 -21.37 -6.52
C ALA A 91 -13.43 -20.60 -7.76
N LEU A 92 -12.50 -19.92 -8.41
CA LEU A 92 -12.76 -19.15 -9.62
C LEU A 92 -12.58 -19.99 -10.88
N GLU A 93 -12.34 -21.28 -10.74
CA GLU A 93 -11.96 -22.15 -11.86
C GLU A 93 -10.87 -21.50 -12.72
N GLU A 94 -9.82 -21.03 -12.04
CA GLU A 94 -8.63 -20.50 -12.70
C GLU A 94 -7.40 -21.19 -12.14
N LYS A 95 -6.38 -21.31 -12.98
CA LYS A 95 -5.19 -22.07 -12.57
C LYS A 95 -4.44 -21.32 -11.49
N GLY A 96 -3.78 -22.08 -10.63
CA GLY A 96 -2.95 -21.51 -9.59
C GLY A 96 -1.74 -20.82 -10.19
N ILE A 97 -1.60 -19.52 -9.92
CA ILE A 97 -0.41 -18.77 -10.29
C ILE A 97 0.16 -18.17 -9.02
N LEU A 98 1.47 -17.99 -9.01
CA LEU A 98 2.17 -17.48 -7.84
C LEU A 98 1.87 -16.01 -7.63
N PHE A 99 1.81 -15.61 -6.37
CA PHE A 99 1.69 -14.20 -6.01
C PHE A 99 3.09 -13.58 -6.03
N THR A 100 3.29 -12.60 -6.92
CA THR A 100 4.60 -12.04 -7.18
C THR A 100 4.61 -10.51 -7.20
N SER A 101 3.60 -9.86 -6.64
CA SER A 101 3.53 -8.40 -6.68
C SER A 101 4.50 -7.79 -5.67
N PRO A 102 5.38 -6.88 -6.09
CA PRO A 102 6.39 -6.36 -5.18
C PRO A 102 5.92 -5.23 -4.27
N PHE A 103 4.69 -4.74 -4.44
CA PHE A 103 4.15 -3.68 -3.58
C PHE A 103 2.75 -4.05 -3.13
N VAL A 104 2.44 -3.81 -1.86
CA VAL A 104 1.10 -3.96 -1.31
C VAL A 104 0.77 -2.68 -0.57
N LEU A 105 -0.29 -2.00 -0.98
CA LEU A 105 -0.75 -0.79 -0.33
C LEU A 105 -2.11 -1.07 0.30
N ALA A 106 -2.30 -0.58 1.52
CA ALA A 106 -3.57 -0.80 2.20
C ALA A 106 -3.97 0.50 2.88
N SER A 107 -5.26 0.64 3.14
CA SER A 107 -5.77 1.82 3.83
C SER A 107 -6.82 1.37 4.83
N THR A 108 -6.97 2.15 5.89
CA THR A 108 -7.90 1.83 6.94
C THR A 108 -8.37 3.11 7.63
N ASN A 109 -9.61 3.06 8.12
CA ASN A 109 -10.15 4.09 9.00
C ASN A 109 -9.80 3.80 10.45
N ALA A 110 -9.27 2.63 10.76
CA ALA A 110 -8.91 2.30 12.12
C ALA A 110 -7.67 3.07 12.55
N GLY A 111 -7.69 3.55 13.78
CA GLY A 111 -6.46 4.07 14.36
C GLY A 111 -5.40 3.00 14.51
N SER A 112 -5.78 1.81 14.97
CA SER A 112 -4.87 0.69 15.10
C SER A 112 -5.61 -0.58 14.71
N ILE A 113 -4.92 -1.48 14.03
CA ILE A 113 -5.48 -2.78 13.66
C ILE A 113 -5.26 -3.72 14.84
N ASN A 114 -6.31 -4.39 15.27
CA ASN A 114 -6.21 -5.36 16.34
C ASN A 114 -6.47 -6.73 15.74
N ALA A 115 -5.41 -7.51 15.64
CA ALA A 115 -5.53 -8.90 15.22
C ALA A 115 -6.08 -9.76 16.35
N PRO A 116 -6.54 -10.98 16.02
CA PRO A 116 -7.15 -11.82 17.06
C PRO A 116 -6.22 -12.08 18.25
N THR A 117 -4.96 -12.35 17.99
CA THR A 117 -3.97 -12.58 19.03
C THR A 117 -2.89 -11.53 18.93
N VAL A 118 -2.19 -11.31 20.04
CA VAL A 118 -1.09 -10.38 20.03
C VAL A 118 0.02 -10.86 19.12
N SER A 119 0.24 -12.18 19.05
CA SER A 119 1.21 -12.71 18.11
C SER A 119 0.91 -12.24 16.69
N ASP A 120 -0.35 -12.35 16.29
CA ASP A 120 -0.75 -11.89 14.96
C ASP A 120 -0.56 -10.38 14.81
N SER A 121 -0.82 -9.61 15.87
CA SER A 121 -0.59 -8.17 15.81
C SER A 121 0.87 -7.86 15.54
N ARG A 122 1.78 -8.60 16.18
CA ARG A 122 3.21 -8.41 15.93
C ARG A 122 3.55 -8.76 14.48
N ALA A 123 2.95 -9.83 13.97
CA ALA A 123 3.21 -10.26 12.59
C ALA A 123 2.75 -9.20 11.59
N LEU A 124 1.60 -8.58 11.83
CA LEU A 124 1.15 -7.48 10.99
C LEU A 124 2.10 -6.29 11.07
N ALA A 125 2.53 -5.95 12.30
CA ALA A 125 3.35 -4.76 12.46
C ALA A 125 4.69 -4.87 11.75
N ARG A 126 5.25 -6.09 11.66
CA ARG A 126 6.54 -6.19 10.99
C ARG A 126 6.38 -6.12 9.47
N ARG A 127 5.16 -6.27 8.96
CA ARG A 127 4.87 -6.21 7.53
C ARG A 127 4.43 -4.83 7.05
N PHE A 128 3.88 -3.99 7.93
CA PHE A 128 3.48 -2.63 7.55
C PHE A 128 4.73 -1.76 7.58
N HIS A 129 5.56 -1.92 6.55
CA HIS A 129 6.89 -1.29 6.55
C HIS A 129 6.78 0.22 6.63
N PHE A 130 5.87 0.79 5.85
CA PHE A 130 5.51 2.20 5.95
C PHE A 130 4.12 2.25 6.58
N ASP A 131 4.07 2.74 7.82
CA ASP A 131 2.82 2.81 8.60
C ASP A 131 2.56 4.29 8.87
N MET A 132 1.59 4.88 8.15
CA MET A 132 1.44 6.33 8.03
C MET A 132 0.03 6.80 8.41
N ASN A 133 -0.05 7.97 9.04
CA ASN A 133 -1.31 8.65 9.23
C ASN A 133 -1.48 9.67 8.11
N ILE A 134 -2.71 9.78 7.61
CA ILE A 134 -3.07 10.79 6.62
C ILE A 134 -3.54 12.02 7.36
N GLU A 135 -3.08 13.20 6.91
CA GLU A 135 -3.62 14.47 7.37
C GLU A 135 -4.05 15.26 6.15
N VAL A 136 -5.31 15.67 6.11
CA VAL A 136 -5.80 16.56 5.07
C VAL A 136 -5.66 17.97 5.58
N ILE A 137 -5.16 18.86 4.72
CA ILE A 137 -4.98 20.26 5.12
C ILE A 137 -6.32 20.97 4.99
N SER A 138 -6.65 21.80 5.98
CA SER A 138 -8.04 22.23 6.18
C SER A 138 -8.57 23.04 5.01
N MET A 139 -7.73 23.79 4.30
CA MET A 139 -8.29 24.54 3.19
C MET A 139 -8.72 23.62 2.05
N TYR A 140 -8.22 22.38 2.01
CA TYR A 140 -8.62 21.44 0.97
C TYR A 140 -9.70 20.46 1.40
N SER A 141 -10.32 20.69 2.55
CA SER A 141 -11.37 19.81 3.03
C SER A 141 -12.59 20.63 3.40
N GLN A 142 -13.76 20.17 3.00
CA GLN A 142 -15.01 20.76 3.48
C GLN A 142 -15.94 19.66 3.92
N ASN A 143 -16.64 19.86 5.04
CA ASN A 143 -17.60 18.90 5.62
C ASN A 143 -16.91 17.55 5.87
N GLY A 144 -15.63 17.56 6.25
CA GLY A 144 -14.88 16.34 6.50
C GLY A 144 -14.46 15.58 5.26
N LYS A 145 -14.70 16.13 4.08
CA LYS A 145 -14.44 15.45 2.82
C LYS A 145 -13.38 16.24 2.06
N ILE A 146 -12.33 15.55 1.61
CA ILE A 146 -11.32 16.20 0.80
C ILE A 146 -11.92 16.67 -0.52
N ASN A 147 -11.55 17.89 -0.92
CA ASN A 147 -12.08 18.49 -2.14
C ASN A 147 -11.22 18.08 -3.32
N MET A 148 -11.73 17.18 -4.14
CA MET A 148 -10.88 16.64 -5.19
C MET A 148 -10.64 17.65 -6.32
N PRO A 149 -11.64 18.41 -6.78
CA PRO A 149 -11.33 19.41 -7.81
C PRO A 149 -10.24 20.37 -7.39
N MET A 150 -10.33 20.93 -6.18
CA MET A 150 -9.27 21.78 -5.65
C MET A 150 -7.93 21.07 -5.64
N SER A 151 -7.93 19.81 -5.19
CA SER A 151 -6.68 19.14 -4.87
C SER A 151 -5.95 18.61 -6.10
N VAL A 152 -6.66 18.36 -7.21
CA VAL A 152 -6.03 17.89 -8.43
C VAL A 152 -5.68 19.00 -9.41
N LYS A 153 -6.04 20.24 -9.11
CA LYS A 153 -5.76 21.35 -10.02
C LYS A 153 -4.27 21.62 -10.09
N THR A 154 -3.73 21.63 -11.31
CA THR A 154 -2.29 21.78 -11.49
C THR A 154 -1.74 23.01 -10.79
N CYS A 155 -0.68 22.81 -10.01
CA CYS A 155 0.02 23.90 -9.34
C CYS A 155 0.62 24.83 -10.39
N CYS A 160 8.73 21.12 -9.65
CA CYS A 160 8.17 19.97 -10.35
C CYS A 160 8.29 18.70 -9.48
N PRO A 161 7.46 17.71 -9.75
CA PRO A 161 7.46 16.49 -8.93
C PRO A 161 8.42 15.44 -9.47
N VAL A 162 8.84 14.56 -8.56
CA VAL A 162 9.83 13.54 -8.90
C VAL A 162 9.18 12.38 -9.63
N ASN A 163 7.99 11.95 -9.19
CA ASN A 163 7.38 10.69 -9.61
C ASN A 163 6.10 10.89 -10.41
N PHE A 164 5.81 12.12 -10.81
CA PHE A 164 4.61 12.43 -11.57
C PHE A 164 4.98 13.42 -12.67
N LYS A 165 4.16 13.42 -13.73
CA LYS A 165 4.40 14.35 -14.84
C LYS A 165 4.05 15.77 -14.42
N LYS A 166 2.85 15.96 -13.91
CA LYS A 166 2.38 17.26 -13.44
C LYS A 166 2.27 17.24 -11.92
N CYS A 167 2.32 18.42 -11.33
CA CYS A 167 2.14 18.56 -9.90
C CYS A 167 0.74 19.06 -9.60
N CYS A 168 0.28 18.74 -8.39
CA CYS A 168 -0.99 19.23 -7.86
C CYS A 168 -0.95 19.12 -6.34
N PRO A 169 -1.86 19.81 -5.64
CA PRO A 169 -1.82 19.79 -4.17
C PRO A 169 -1.82 18.39 -3.58
N LEU A 170 -2.45 17.43 -4.24
CA LEU A 170 -2.48 16.06 -3.76
C LEU A 170 -1.09 15.43 -3.76
N VAL A 171 -0.21 15.88 -4.65
CA VAL A 171 1.08 15.24 -4.89
C VAL A 171 2.17 15.85 -4.06
N CYS A 172 2.13 17.18 -3.84
CA CYS A 172 3.26 17.90 -3.28
C CYS A 172 3.08 18.31 -1.82
N GLY A 173 2.02 17.84 -1.15
CA GLY A 173 1.86 18.03 0.27
C GLY A 173 1.03 19.23 0.67
N LYS A 174 0.48 19.95 -0.30
CA LYS A 174 -0.38 21.07 0.04
C LYS A 174 -1.73 20.60 0.57
N ALA A 175 -2.32 19.57 -0.06
CA ALA A 175 -3.66 19.12 0.30
C ALA A 175 -3.67 17.95 1.27
N ILE A 176 -2.68 17.06 1.20
CA ILE A 176 -2.64 15.86 2.03
C ILE A 176 -1.18 15.58 2.37
N GLN A 177 -0.94 15.23 3.62
CA GLN A 177 0.38 14.86 4.09
C GLN A 177 0.32 13.49 4.77
N PHE A 178 1.46 12.82 4.81
CA PHE A 178 1.59 11.52 5.44
C PHE A 178 2.59 11.59 6.59
N ILE A 179 2.16 11.09 7.74
CA ILE A 179 2.93 11.19 8.97
C ILE A 179 3.30 9.77 9.42
N ASP A 180 4.58 9.51 9.57
CA ASP A 180 5.05 8.22 10.07
C ASP A 180 4.59 7.99 11.50
N ARG A 181 3.90 6.88 11.73
CA ARG A 181 3.29 6.66 13.04
C ARG A 181 4.31 6.42 14.14
N ARG A 182 5.52 5.97 13.82
CA ARG A 182 6.52 5.76 14.85
C ARG A 182 7.34 7.00 15.13
N THR A 183 7.80 7.68 14.07
CA THR A 183 8.73 8.79 14.21
C THR A 183 8.13 10.17 13.99
N GLN A 184 6.89 10.28 13.48
CA GLN A 184 6.22 11.54 13.22
C GLN A 184 6.86 12.34 12.09
N VAL A 185 7.80 11.74 11.37
CA VAL A 185 8.34 12.37 10.16
C VAL A 185 7.23 12.53 9.13
N ARG A 186 7.23 13.66 8.41
CA ARG A 186 6.17 14.04 7.49
C ARG A 186 6.63 14.03 6.04
N TYR A 187 5.76 13.52 5.17
CA TYR A 187 6.02 13.38 3.75
C TYR A 187 4.84 13.87 2.91
N SER A 188 5.15 14.40 1.74
CA SER A 188 4.17 14.52 0.69
C SER A 188 3.97 13.17 0.00
N LEU A 189 2.94 13.09 -0.82
CA LEU A 189 2.70 11.88 -1.60
C LEU A 189 3.90 11.59 -2.50
N ASP A 190 4.39 12.62 -3.20
CA ASP A 190 5.59 12.47 -4.02
C ASP A 190 6.77 11.91 -3.24
N MET A 191 7.02 12.42 -2.02
CA MET A 191 8.15 11.98 -1.22
C MET A 191 7.98 10.52 -0.79
N LEU A 192 6.74 10.12 -0.52
CA LEU A 192 6.44 8.75 -0.10
C LEU A 192 6.73 7.76 -1.20
N VAL A 193 6.35 8.08 -2.45
CA VAL A 193 6.67 7.22 -3.57
C VAL A 193 8.17 7.03 -3.70
N THR A 194 8.93 8.11 -3.54
CA THR A 194 10.38 7.98 -3.56
C THR A 194 10.88 7.05 -2.46
N GLU A 195 10.35 7.16 -1.24
CA GLU A 195 10.82 6.35 -0.14
C GLU A 195 10.50 4.87 -0.39
N MET A 196 9.31 4.61 -0.94
CA MET A 196 8.87 3.23 -1.19
C MET A 196 9.67 2.59 -2.32
N PHE A 197 9.90 3.33 -3.40
CA PHE A 197 10.70 2.79 -4.50
C PHE A 197 12.15 2.59 -4.07
N ARG A 198 12.69 3.51 -3.24
CA ARG A 198 14.04 3.31 -2.73
C ARG A 198 14.14 2.02 -1.92
N GLU A 199 13.10 1.71 -1.12
CA GLU A 199 13.10 0.47 -0.35
C GLU A 199 13.03 -0.74 -1.26
N TYR A 200 12.21 -0.67 -2.31
CA TYR A 200 12.16 -1.73 -3.32
C TYR A 200 13.53 -1.97 -3.93
N ASN A 201 14.21 -0.91 -4.33
CA ASN A 201 15.54 -1.07 -4.91
C ASN A 201 16.51 -1.66 -3.90
N HIS A 202 16.42 -1.23 -2.65
CA HIS A 202 17.27 -1.80 -1.62
C HIS A 202 17.09 -3.31 -1.54
N ARG A 203 15.84 -3.77 -1.52
CA ARG A 203 15.57 -5.19 -1.35
C ARG A 203 15.99 -6.02 -2.55
N HIS A 204 16.00 -5.43 -3.74
CA HIS A 204 16.39 -6.16 -4.95
C HIS A 204 17.88 -5.97 -5.29
N SER A 205 18.62 -5.21 -4.51
CA SER A 205 20.02 -4.96 -4.82
C SER A 205 20.84 -6.23 -4.63
N VAL A 206 21.90 -6.36 -5.43
CA VAL A 206 22.78 -7.53 -5.32
C VAL A 206 23.31 -7.67 -3.89
N GLY A 207 23.87 -6.59 -3.35
CA GLY A 207 24.42 -6.66 -2.01
C GLY A 207 23.43 -7.13 -0.97
N THR A 208 22.18 -6.67 -1.07
CA THR A 208 21.19 -7.08 -0.08
C THR A 208 20.89 -8.55 -0.22
N THR A 209 20.68 -9.02 -1.44
CA THR A 209 20.37 -10.43 -1.64
C THR A 209 21.56 -11.32 -1.28
N LEU A 210 22.78 -10.84 -1.51
CA LEU A 210 23.95 -11.62 -1.10
C LEU A 210 24.11 -11.63 0.42
N GLU A 211 23.84 -10.51 1.08
CA GLU A 211 23.92 -10.44 2.54
C GLU A 211 23.10 -11.55 3.20
N ALA A 212 21.99 -11.95 2.57
CA ALA A 212 21.12 -12.97 3.16
C ALA A 212 21.72 -14.36 3.15
N LEU A 213 22.84 -14.58 2.46
CA LEU A 213 23.47 -15.89 2.49
C LEU A 213 24.30 -16.13 3.74
N PHE A 214 24.42 -15.15 4.62
CA PHE A 214 25.22 -15.27 5.83
C PHE A 214 24.40 -15.02 7.10
ZN ZN B . 2.40 20.99 -6.25
S SO4 C . -11.45 8.13 1.63
O1 SO4 C . -11.52 9.49 1.04
O2 SO4 C . -12.77 7.74 2.10
O3 SO4 C . -10.51 8.20 2.76
O4 SO4 C . -11.02 7.20 0.59
S SO4 D . 6.49 -14.15 10.81
O1 SO4 D . 5.95 -15.06 9.80
O2 SO4 D . 5.41 -13.31 11.30
O3 SO4 D . 7.03 -14.92 11.93
O4 SO4 D . 7.54 -13.30 10.25
S SO4 E . -0.45 -15.49 21.53
O1 SO4 E . -1.32 -16.16 20.56
O2 SO4 E . -0.40 -14.06 21.25
O3 SO4 E . -0.94 -15.73 22.88
O4 SO4 E . 0.91 -16.04 21.41
S SO4 F . 6.97 -13.88 17.12
O1 SO4 F . 5.74 -14.42 17.69
O2 SO4 F . 6.97 -12.41 17.19
O3 SO4 F . 7.03 -14.28 15.71
O4 SO4 F . 8.13 -14.38 17.85
F15 SFX G . -4.58 -6.86 8.98
C12 SFX G . -4.70 -7.32 7.72
F13 SFX G . -3.82 -6.60 6.94
F14 SFX G . -4.30 -8.60 7.60
C9 SFX G . -6.14 -7.15 7.26
C8 SFX G . -6.59 -7.84 6.14
C7 SFX G . -7.90 -7.70 5.71
C6 SFX G . -8.79 -6.87 6.40
C11 SFX G . -8.34 -6.18 7.50
C10 SFX G . -7.03 -6.33 7.94
O5 SFX G . -10.13 -6.71 5.97
C3 SFX G . -10.56 -7.53 4.90
C2 SFX G . -12.08 -7.71 4.90
C1 SFX G . -12.81 -6.45 5.40
N4 SFX G . -14.18 -6.45 4.90
C22 SFX G . -14.86 -7.70 5.20
C16 SFX G . -10.11 -6.95 3.54
C17 SFX G . -10.17 -5.58 3.30
C18 SFX G . -9.79 -5.08 2.07
C19 SFX G . -9.32 -5.93 1.08
C20 SFX G . -9.26 -7.29 1.32
C21 SFX G . -9.66 -7.80 2.55
H8 SFX G . -6.02 -8.40 5.68
H7 SFX G . -8.18 -8.16 4.95
H11 SFX G . -8.91 -5.61 7.96
H10 SFX G . -6.73 -5.87 8.70
H3 SFX G . -10.13 -8.39 5.03
H2 SFX G . -12.37 -7.90 3.99
H2A SFX G . -12.31 -8.46 5.47
H1 SFX G . -12.34 -5.67 5.08
H1A SFX G . -12.83 -6.46 6.37
H22 SFX G . -14.66 -8.36 4.52
H22A SFX G . -15.82 -7.55 5.22
H17 SFX G . -10.48 -5.01 3.97
H18 SFX G . -9.83 -4.16 1.91
H19 SFX G . -9.06 -5.58 0.25
H20 SFX G . -8.95 -7.87 0.66
H21 SFX G . -9.62 -8.72 2.70
H171 SFX G . -14.62 -5.78 5.29
H181 SFX G . -14.57 -8.03 6.06
NA NA H . 11.31 -1.44 5.77
NA NA I . -11.90 23.57 5.22
#